data_3DFU
#
_entry.id   3DFU
#
_cell.length_a   155.790
_cell.length_b   47.070
_cell.length_c   63.240
_cell.angle_alpha   90.000
_cell.angle_beta   90.000
_cell.angle_gamma   90.000
#
_symmetry.space_group_name_H-M   'P 21 21 2'
#
loop_
_entity.id
_entity.type
_entity.pdbx_description
1 polymer 'Uncharacterized Protein from 6-Phosphogluconate Dehydrogenase-Like Family'
2 non-polymer GLYCEROL
3 water water
#
_entity_poly.entity_id   1
_entity_poly.type   'polypeptide(L)'
_entity_poly.pdbx_seq_one_letter_code
;G(MSE)QAPRLRVGIFDDGSSTVN(MSE)AEKLDSVGHYVTVLHAPEDIRDFELVVIDAHGVEGYVEKLSAFARRGQ
(MSE)FLHTSLTHGITV(MSE)DPLETSGGIV(MSE)SAHPIGQDRWVASALDELGETIVGLLVGELGGSIVEIADDKRA
QLAAALTYAGFLSTLQRDASYFLDEFLGDPDVTSDIV(MSE)DSAQQFQALPSLDEVIAQYDSINNPGRQRLFRDLARRQ
AEISRAQDIELWAIQKEDR
;
_entity_poly.pdbx_strand_id   A,B
#
loop_
_chem_comp.id
_chem_comp.type
_chem_comp.name
_chem_comp.formula
GOL non-polymer GLYCEROL 'C3 H8 O3'
#
# COMPACT_ATOMS: atom_id res chain seq x y z
N GLN A 3 -18.39 -0.97 38.58
CA GLN A 3 -17.24 -1.77 38.07
C GLN A 3 -17.21 -3.14 38.73
N ALA A 4 -17.04 -4.20 37.93
CA ALA A 4 -16.97 -5.59 38.44
C ALA A 4 -15.69 -5.80 39.29
N PRO A 5 -15.56 -6.95 39.97
CA PRO A 5 -14.35 -7.17 40.79
C PRO A 5 -13.08 -7.20 39.95
N ARG A 6 -12.01 -6.56 40.44
CA ARG A 6 -10.70 -6.62 39.78
C ARG A 6 -10.17 -8.00 40.05
N LEU A 7 -9.21 -8.44 39.24
CA LEU A 7 -8.67 -9.79 39.31
C LEU A 7 -7.17 -9.74 39.47
N ARG A 8 -6.63 -10.78 40.12
CA ARG A 8 -5.19 -11.02 40.19
C ARG A 8 -4.90 -11.81 38.92
N VAL A 9 -4.22 -11.16 37.99
CA VAL A 9 -3.87 -11.73 36.67
C VAL A 9 -2.37 -12.03 36.54
N GLY A 10 -2.04 -13.27 36.16
CA GLY A 10 -0.67 -13.71 35.91
C GLY A 10 -0.60 -13.87 34.40
N ILE A 11 0.39 -13.25 33.76
CA ILE A 11 0.50 -13.26 32.29
C ILE A 11 1.84 -13.80 31.79
N PHE A 12 1.77 -14.70 30.82
CA PHE A 12 2.94 -15.23 30.14
C PHE A 12 3.02 -14.51 28.80
N ASP A 13 4.17 -13.87 28.58
CA ASP A 13 4.43 -13.07 27.40
C ASP A 13 5.89 -13.32 27.04
N ASP A 14 6.14 -13.93 25.89
CA ASP A 14 7.50 -14.25 25.43
C ASP A 14 7.92 -13.42 24.21
N GLY A 15 7.25 -12.29 23.99
CA GLY A 15 7.54 -11.44 22.83
C GLY A 15 6.97 -11.92 21.50
N SER A 16 6.29 -13.08 21.46
CA SER A 16 5.70 -13.59 20.21
C SER A 16 4.39 -12.90 19.83
N SER A 17 3.68 -12.32 20.79
CA SER A 17 2.40 -11.65 20.55
C SER A 17 2.53 -10.13 20.61
N THR A 18 1.74 -9.45 19.78
CA THR A 18 1.67 -7.99 19.78
C THR A 18 0.35 -7.50 20.43
N VAL A 19 -0.42 -8.38 21.07
CA VAL A 19 -1.70 -8.00 21.70
C VAL A 19 -1.53 -7.05 22.90
N ASN A 20 -0.41 -7.16 23.62
CA ASN A 20 -0.10 -6.37 24.83
C ASN A 20 -1.24 -6.51 25.83
N MSE A 21 -1.61 -7.77 26.10
CA MSE A 21 -2.74 -8.04 27.01
C MSE A 21 -2.42 -7.54 28.43
O MSE A 21 -3.34 -7.06 29.10
CB MSE A 21 -3.14 -9.53 26.97
CG MSE A 21 -4.41 -9.83 27.73
SE MSE A 21 -5.91 -8.81 27.04
CE MSE A 21 -6.69 -10.17 25.90
N ALA A 22 -1.16 -7.58 28.84
CA ALA A 22 -0.75 -7.06 30.16
C ALA A 22 -1.07 -5.59 30.30
N GLU A 23 -0.66 -4.78 29.31
CA GLU A 23 -0.97 -3.35 29.27
C GLU A 23 -2.47 -3.12 29.27
N LYS A 24 -3.20 -3.85 28.40
CA LYS A 24 -4.66 -3.71 28.30
C LYS A 24 -5.37 -4.01 29.62
N LEU A 25 -5.09 -5.16 30.23
CA LEU A 25 -5.73 -5.50 31.50
C LEU A 25 -5.32 -4.58 32.65
N ASP A 26 -4.05 -4.20 32.69
CA ASP A 26 -3.56 -3.22 33.67
C ASP A 26 -4.27 -1.85 33.50
N SER A 27 -4.57 -1.44 32.27
CA SER A 27 -5.23 -0.14 32.00
C SER A 27 -6.64 -0.02 32.58
N VAL A 28 -7.32 -1.15 32.83
CA VAL A 28 -8.68 -1.13 33.39
C VAL A 28 -8.70 -1.49 34.89
N GLY A 29 -7.53 -1.50 35.55
CA GLY A 29 -7.46 -1.71 37.00
C GLY A 29 -7.24 -3.10 37.55
N HIS A 30 -7.04 -4.10 36.69
CA HIS A 30 -6.72 -5.44 37.16
C HIS A 30 -5.30 -5.41 37.71
N TYR A 31 -5.01 -6.39 38.56
CA TYR A 31 -3.70 -6.53 39.21
C TYR A 31 -2.94 -7.53 38.36
N VAL A 32 -2.08 -6.99 37.48
CA VAL A 32 -1.38 -7.77 36.48
C VAL A 32 0.09 -7.93 36.83
N THR A 33 0.55 -9.18 36.84
CA THR A 33 1.95 -9.53 37.06
C THR A 33 2.38 -10.45 35.91
N VAL A 34 3.48 -10.10 35.25
CA VAL A 34 4.06 -10.94 34.20
C VAL A 34 4.81 -12.07 34.93
N LEU A 35 4.57 -13.32 34.53
CA LEU A 35 5.11 -14.51 35.18
C LEU A 35 6.23 -15.12 34.37
N HIS A 36 7.15 -15.79 35.05
CA HIS A 36 8.33 -16.41 34.44
C HIS A 36 8.43 -17.92 34.56
N ALA A 37 7.71 -18.52 35.51
CA ALA A 37 7.72 -19.97 35.72
C ALA A 37 6.27 -20.48 35.83
N PRO A 38 5.96 -21.66 35.22
CA PRO A 38 4.62 -22.25 35.28
C PRO A 38 4.03 -22.39 36.69
N GLU A 39 4.87 -22.76 37.65
CA GLU A 39 4.45 -22.90 39.05
C GLU A 39 4.00 -21.60 39.74
N ASP A 40 4.39 -20.44 39.19
CA ASP A 40 3.99 -19.14 39.76
C ASP A 40 2.51 -18.76 39.57
N ILE A 41 1.72 -19.56 38.85
CA ILE A 41 0.27 -19.30 38.72
C ILE A 41 -0.56 -19.49 40.02
N ARG A 42 0.03 -20.15 41.01
CA ARG A 42 -0.61 -20.46 42.31
C ARG A 42 -1.47 -19.35 42.91
N ASP A 43 -0.92 -18.15 43.08
CA ASP A 43 -1.72 -17.06 43.69
C ASP A 43 -2.83 -16.45 42.77
N PHE A 44 -2.73 -16.69 41.47
CA PHE A 44 -3.54 -15.99 40.46
C PHE A 44 -4.93 -16.55 40.11
N GLU A 45 -5.85 -15.64 39.85
CA GLU A 45 -7.24 -15.95 39.55
C GLU A 45 -7.47 -16.13 38.05
N LEU A 46 -6.78 -15.33 37.23
CA LEU A 46 -6.82 -15.40 35.77
C LEU A 46 -5.38 -15.53 35.29
N VAL A 47 -5.14 -16.54 34.45
CA VAL A 47 -3.83 -16.78 33.86
C VAL A 47 -3.97 -16.52 32.37
N VAL A 48 -3.15 -15.62 31.84
CA VAL A 48 -3.21 -15.29 30.41
C VAL A 48 -1.97 -15.84 29.68
N ILE A 49 -2.22 -16.62 28.62
CA ILE A 49 -1.17 -17.09 27.70
C ILE A 49 -1.20 -16.08 26.53
N ASP A 50 -0.43 -15.00 26.65
CA ASP A 50 -0.33 -13.96 25.61
C ASP A 50 0.92 -14.27 24.78
N ALA A 51 0.77 -15.31 23.96
CA ALA A 51 1.87 -15.87 23.15
C ALA A 51 1.31 -16.78 22.06
N HIS A 52 2.13 -17.06 21.03
CA HIS A 52 1.67 -17.93 19.94
CA HIS A 52 1.74 -17.92 19.90
C HIS A 52 1.85 -19.42 20.26
N GLY A 53 2.90 -19.79 20.98
CA GLY A 53 3.09 -21.21 21.36
C GLY A 53 2.16 -21.66 22.48
N VAL A 54 0.85 -21.64 22.22
CA VAL A 54 -0.16 -21.92 23.25
C VAL A 54 -0.07 -23.34 23.80
N GLU A 55 0.01 -24.33 22.91
CA GLU A 55 0.10 -25.76 23.33
C GLU A 55 1.25 -26.04 24.29
N GLY A 56 2.39 -25.41 24.05
CA GLY A 56 3.55 -25.50 24.95
C GLY A 56 3.26 -24.95 26.35
N TYR A 57 2.58 -23.79 26.41
CA TYR A 57 2.18 -23.21 27.70
C TYR A 57 1.13 -24.08 28.40
N VAL A 58 0.17 -24.60 27.64
CA VAL A 58 -0.87 -25.47 28.20
C VAL A 58 -0.26 -26.74 28.83
N GLU A 59 0.75 -27.32 28.19
CA GLU A 59 1.47 -28.52 28.71
C GLU A 59 2.15 -28.21 30.04
N LYS A 60 2.89 -27.10 30.08
CA LYS A 60 3.63 -26.65 31.27
C LYS A 60 2.71 -26.26 32.44
N LEU A 61 1.61 -25.57 32.12
CA LEU A 61 0.62 -25.13 33.13
C LEU A 61 -0.35 -26.21 33.64
N SER A 62 -0.63 -27.24 32.82
CA SER A 62 -1.57 -28.37 33.16
C SER A 62 -1.40 -28.91 34.57
N ALA A 63 -0.15 -29.17 34.95
CA ALA A 63 0.19 -29.72 36.26
C ALA A 63 -0.13 -28.79 37.43
N PHE A 64 -0.05 -27.48 37.22
CA PHE A 64 -0.27 -26.49 38.29
C PHE A 64 -1.67 -25.87 38.40
N ALA A 65 -2.50 -26.04 37.36
CA ALA A 65 -3.87 -25.51 37.30
C ALA A 65 -4.72 -26.04 38.44
N ARG A 66 -5.50 -25.16 39.07
CA ARG A 66 -6.37 -25.54 40.18
C ARG A 66 -7.83 -25.20 39.88
N ARG A 67 -8.70 -25.80 40.68
CA ARG A 67 -10.16 -25.65 40.58
C ARG A 67 -10.61 -24.19 40.56
N GLY A 68 -11.37 -23.81 39.54
CA GLY A 68 -11.89 -22.45 39.42
C GLY A 68 -10.97 -21.38 38.88
N GLN A 69 -9.71 -21.71 38.62
CA GLN A 69 -8.79 -20.74 37.99
C GLN A 69 -9.20 -20.52 36.54
N MSE A 70 -9.11 -19.26 36.11
CA MSE A 70 -9.42 -18.88 34.73
C MSE A 70 -8.13 -18.85 33.89
O MSE A 70 -7.07 -18.46 34.36
CB MSE A 70 -10.10 -17.51 34.71
CG MSE A 70 -11.47 -17.53 35.36
SE MSE A 70 -12.07 -15.78 35.71
CE MSE A 70 -11.02 -15.33 37.25
N PHE A 71 -8.25 -19.30 32.63
CA PHE A 71 -7.17 -19.36 31.65
C PHE A 71 -7.65 -18.78 30.32
N LEU A 72 -6.90 -17.83 29.77
CA LEU A 72 -7.22 -17.15 28.50
C LEU A 72 -5.99 -17.08 27.60
N HIS A 73 -6.12 -17.51 26.35
CA HIS A 73 -5.03 -17.31 25.38
C HIS A 73 -5.45 -16.24 24.36
N THR A 74 -4.46 -15.55 23.80
CA THR A 74 -4.66 -14.46 22.85
C THR A 74 -4.34 -14.80 21.37
N SER A 75 -4.06 -16.07 21.08
CA SER A 75 -3.75 -16.54 19.72
C SER A 75 -4.98 -16.56 18.81
N LEU A 76 -4.92 -15.85 17.69
CA LEU A 76 -6.02 -15.85 16.72
C LEU A 76 -6.20 -17.20 16.02
N THR A 77 -5.09 -17.92 15.78
CA THR A 77 -5.12 -19.17 15.01
C THR A 77 -5.59 -20.41 15.80
N HIS A 78 -5.37 -20.42 17.12
CA HIS A 78 -5.80 -21.56 17.96
C HIS A 78 -7.27 -21.50 18.34
N GLY A 79 -7.91 -22.66 18.25
CA GLY A 79 -9.29 -22.85 18.65
C GLY A 79 -9.29 -23.14 20.13
N ILE A 80 -10.46 -23.11 20.73
CA ILE A 80 -10.60 -23.29 22.18
C ILE A 80 -10.14 -24.68 22.71
N THR A 81 -10.23 -25.73 21.89
CA THR A 81 -9.86 -27.10 22.33
C THR A 81 -8.39 -27.27 22.77
N VAL A 82 -7.52 -26.35 22.33
CA VAL A 82 -6.12 -26.31 22.79
C VAL A 82 -6.01 -26.17 24.34
N MSE A 83 -7.05 -25.62 24.96
CA MSE A 83 -7.14 -25.42 26.41
C MSE A 83 -7.79 -26.58 27.18
O MSE A 83 -7.89 -26.50 28.41
CB MSE A 83 -7.96 -24.14 26.69
CG MSE A 83 -7.50 -22.90 25.97
SE MSE A 83 -5.81 -22.28 26.57
CE MSE A 83 -6.43 -21.29 28.06
N ASP A 84 -8.26 -27.64 26.48
CA ASP A 84 -8.90 -28.84 27.09
C ASP A 84 -8.18 -29.40 28.34
N PRO A 85 -6.83 -29.61 28.27
CA PRO A 85 -6.06 -30.03 29.46
C PRO A 85 -6.27 -29.17 30.73
N LEU A 86 -6.47 -27.85 30.55
CA LEU A 86 -6.74 -26.92 31.67
C LEU A 86 -8.18 -27.07 32.19
N GLU A 87 -9.12 -27.28 31.27
CA GLU A 87 -10.54 -27.54 31.62
C GLU A 87 -10.64 -28.83 32.45
N THR A 88 -9.91 -29.86 32.01
CA THR A 88 -9.77 -31.16 32.71
C THR A 88 -9.23 -31.02 34.15
N SER A 89 -8.37 -30.01 34.37
CA SER A 89 -7.83 -29.70 35.70
C SER A 89 -8.77 -28.84 36.58
N GLY A 90 -9.99 -28.53 36.12
CA GLY A 90 -10.96 -27.71 36.87
C GLY A 90 -10.93 -26.22 36.54
N GLY A 91 -10.27 -25.86 35.43
CA GLY A 91 -10.19 -24.45 35.00
C GLY A 91 -11.33 -23.98 34.12
N ILE A 92 -11.48 -22.66 34.04
CA ILE A 92 -12.48 -21.98 33.20
C ILE A 92 -11.67 -21.39 32.03
N VAL A 93 -11.78 -22.01 30.86
CA VAL A 93 -10.95 -21.66 29.71
C VAL A 93 -11.64 -20.74 28.71
N MSE A 94 -10.84 -19.87 28.08
CA MSE A 94 -11.35 -18.90 27.11
C MSE A 94 -10.23 -18.39 26.21
O MSE A 94 -9.08 -18.74 26.39
CB MSE A 94 -12.04 -17.75 27.84
CG MSE A 94 -11.24 -17.10 28.93
SE MSE A 94 -12.24 -15.97 30.16
CE MSE A 94 -13.32 -16.77 30.48
N SER A 95 -10.63 -17.63 25.19
CA SER A 95 -9.68 -17.00 24.26
C SER A 95 -10.22 -15.66 23.81
N ALA A 96 -9.33 -14.70 23.59
CA ALA A 96 -9.72 -13.37 23.10
C ALA A 96 -8.57 -12.77 22.28
N HIS A 97 -8.83 -12.36 21.04
CA HIS A 97 -7.81 -11.76 20.17
C HIS A 97 -8.41 -10.53 19.47
N PRO A 98 -7.72 -9.37 19.56
CA PRO A 98 -8.22 -8.17 18.89
C PRO A 98 -7.82 -8.16 17.41
N ILE A 99 -8.77 -7.93 16.51
CA ILE A 99 -8.47 -7.90 15.05
C ILE A 99 -8.43 -6.49 14.43
N GLY A 100 -8.67 -5.44 15.25
CA GLY A 100 -8.63 -4.04 14.82
C GLY A 100 -9.98 -3.38 14.97
N GLN A 101 -9.97 -2.05 15.08
CA GLN A 101 -11.19 -1.26 15.26
C GLN A 101 -12.01 -1.68 16.49
N ASP A 102 -11.32 -2.11 17.54
CA ASP A 102 -11.95 -2.60 18.78
C ASP A 102 -12.87 -3.83 18.58
N ARG A 103 -12.60 -4.63 17.53
CA ARG A 103 -13.35 -5.87 17.28
C ARG A 103 -12.46 -7.00 17.76
N TRP A 104 -13.09 -8.00 18.41
CA TRP A 104 -12.41 -9.13 19.02
C TRP A 104 -13.03 -10.46 18.63
N VAL A 105 -12.20 -11.48 18.48
CA VAL A 105 -12.62 -12.85 18.21
C VAL A 105 -12.41 -13.53 19.55
N ALA A 106 -13.49 -14.08 20.11
CA ALA A 106 -13.46 -14.72 21.44
C ALA A 106 -14.13 -16.08 21.44
N SER A 107 -13.72 -16.92 22.39
CA SER A 107 -14.33 -18.26 22.56
C SER A 107 -14.23 -18.75 23.98
N ALA A 108 -15.06 -19.72 24.29
CA ALA A 108 -15.07 -20.41 25.59
C ALA A 108 -15.74 -21.77 25.40
N LEU A 109 -15.67 -22.64 26.40
CA LEU A 109 -16.32 -23.96 26.35
C LEU A 109 -17.66 -24.02 27.10
N ASP A 110 -17.88 -23.09 28.02
CA ASP A 110 -19.08 -23.06 28.87
C ASP A 110 -19.65 -21.64 28.99
N GLU A 111 -20.87 -21.55 29.53
CA GLU A 111 -21.57 -20.27 29.71
C GLU A 111 -20.82 -19.30 30.63
N LEU A 112 -20.15 -19.83 31.66
CA LEU A 112 -19.40 -18.98 32.60
C LEU A 112 -18.20 -18.31 31.91
N GLY A 113 -17.43 -19.09 31.17
CA GLY A 113 -16.30 -18.60 30.37
C GLY A 113 -16.75 -17.63 29.28
N GLU A 114 -17.88 -17.91 28.64
CA GLU A 114 -18.47 -17.01 27.64
C GLU A 114 -18.81 -15.66 28.24
N THR A 115 -19.46 -15.66 29.39
CA THR A 115 -19.83 -14.41 30.08
C THR A 115 -18.58 -13.64 30.48
N ILE A 116 -17.62 -14.33 31.09
CA ILE A 116 -16.38 -13.68 31.56
C ILE A 116 -15.58 -13.05 30.41
N VAL A 117 -15.36 -13.78 29.31
CA VAL A 117 -14.57 -13.25 28.17
C VAL A 117 -15.27 -12.06 27.52
N GLY A 118 -16.59 -12.11 27.41
CA GLY A 118 -17.41 -10.96 26.95
C GLY A 118 -17.30 -9.74 27.87
N LEU A 119 -17.27 -9.96 29.19
CA LEU A 119 -17.06 -8.86 30.16
C LEU A 119 -15.65 -8.28 30.02
N LEU A 120 -14.64 -9.14 29.89
CA LEU A 120 -13.27 -8.68 29.71
C LEU A 120 -13.12 -7.86 28.39
N VAL A 121 -13.62 -8.41 27.28
CA VAL A 121 -13.57 -7.71 26.00
C VAL A 121 -14.29 -6.36 26.07
N GLY A 122 -15.45 -6.33 26.76
CA GLY A 122 -16.24 -5.12 26.94
C GLY A 122 -15.56 -4.02 27.73
N GLU A 123 -14.86 -4.38 28.81
CA GLU A 123 -14.13 -3.36 29.58
C GLU A 123 -12.89 -2.84 28.83
N LEU A 124 -12.37 -3.62 27.87
CA LEU A 124 -11.31 -3.16 26.96
C LEU A 124 -11.89 -2.34 25.76
N GLY A 125 -13.16 -1.93 25.84
CA GLY A 125 -13.84 -1.15 24.83
C GLY A 125 -14.18 -1.89 23.57
N GLY A 126 -14.18 -3.22 23.62
CA GLY A 126 -14.40 -4.05 22.46
C GLY A 126 -15.78 -4.64 22.27
N SER A 127 -16.00 -5.15 21.07
CA SER A 127 -17.21 -5.88 20.70
C SER A 127 -16.72 -7.16 20.00
N ILE A 128 -17.48 -8.24 20.17
CA ILE A 128 -17.08 -9.54 19.64
C ILE A 128 -17.68 -9.79 18.25
N VAL A 129 -16.83 -10.24 17.32
CA VAL A 129 -17.26 -10.70 15.99
C VAL A 129 -17.14 -12.23 15.98
N GLU A 130 -18.17 -12.91 15.49
CA GLU A 130 -18.22 -14.38 15.44
C GLU A 130 -17.44 -14.88 14.21
N ILE A 131 -16.48 -15.77 14.44
CA ILE A 131 -15.64 -16.37 13.39
C ILE A 131 -15.52 -17.85 13.74
N ALA A 132 -15.87 -18.72 12.81
CA ALA A 132 -15.78 -20.17 13.04
C ALA A 132 -14.31 -20.57 13.19
N ASP A 133 -14.05 -21.61 14.00
CA ASP A 133 -12.68 -22.12 14.21
C ASP A 133 -11.96 -22.44 12.91
N ASP A 134 -12.65 -23.08 11.97
CA ASP A 134 -12.09 -23.41 10.65
C ASP A 134 -11.72 -22.22 9.76
N LYS A 135 -12.17 -21.00 10.09
CA LYS A 135 -11.84 -19.77 9.35
C LYS A 135 -10.72 -18.93 9.99
N ARG A 136 -10.30 -19.27 11.21
CA ARG A 136 -9.26 -18.53 11.97
C ARG A 136 -7.89 -18.39 11.31
N ALA A 137 -7.38 -19.47 10.75
CA ALA A 137 -6.07 -19.41 10.08
C ALA A 137 -6.10 -18.46 8.90
N GLN A 138 -7.13 -18.55 8.06
CA GLN A 138 -7.25 -17.67 6.86
CA GLN A 138 -7.23 -17.68 6.87
C GLN A 138 -7.57 -16.24 7.24
N LEU A 139 -8.27 -16.04 8.36
CA LEU A 139 -8.53 -14.69 8.86
C LEU A 139 -7.20 -14.05 9.27
N ALA A 140 -6.31 -14.85 9.89
CA ALA A 140 -4.98 -14.37 10.29
C ALA A 140 -4.23 -13.89 9.07
N ALA A 141 -4.26 -14.72 8.01
CA ALA A 141 -3.64 -14.40 6.70
C ALA A 141 -4.17 -13.08 6.11
N ALA A 142 -5.49 -12.88 6.16
CA ALA A 142 -6.15 -11.66 5.66
C ALA A 142 -5.72 -10.41 6.40
N LEU A 143 -5.57 -10.51 7.72
CA LEU A 143 -5.10 -9.37 8.53
C LEU A 143 -3.65 -9.02 8.22
N THR A 144 -2.78 -10.03 8.12
CA THR A 144 -1.38 -9.82 7.72
C THR A 144 -1.27 -9.21 6.30
N TYR A 145 -2.11 -9.70 5.37
CA TYR A 145 -2.17 -9.22 3.98
C TYR A 145 -2.51 -7.73 3.96
N ALA A 146 -3.57 -7.32 4.68
CA ALA A 146 -3.91 -5.89 4.83
C ALA A 146 -2.75 -5.11 5.49
N GLY A 147 -2.08 -5.74 6.47
CA GLY A 147 -0.89 -5.18 7.13
C GLY A 147 0.24 -4.84 6.18
N PHE A 148 0.36 -5.58 5.06
CA PHE A 148 1.39 -5.28 4.05
C PHE A 148 1.21 -3.95 3.32
N LEU A 149 0.05 -3.30 3.48
CA LEU A 149 -0.14 -1.93 3.00
C LEU A 149 0.86 -0.96 3.63
N SER A 150 1.23 -1.22 4.88
CA SER A 150 2.27 -0.45 5.60
C SER A 150 3.64 -0.57 4.92
N THR A 151 4.02 -1.82 4.59
CA THR A 151 5.26 -2.10 3.85
C THR A 151 5.31 -1.33 2.55
N LEU A 152 4.25 -1.46 1.75
CA LEU A 152 4.17 -0.78 0.46
C LEU A 152 4.11 0.75 0.57
N GLN A 153 3.30 1.26 1.48
CA GLN A 153 3.17 2.72 1.67
C GLN A 153 4.50 3.36 2.06
N ARG A 154 5.21 2.74 3.02
CA ARG A 154 6.51 3.25 3.47
CA ARG A 154 6.49 3.26 3.48
CA ARG A 154 6.51 3.24 3.48
C ARG A 154 7.54 3.17 2.36
N ASP A 155 7.56 2.04 1.67
CA ASP A 155 8.52 1.83 0.58
C ASP A 155 8.23 2.78 -0.60
N ALA A 156 6.96 2.94 -0.95
CA ALA A 156 6.55 3.88 -2.02
C ALA A 156 6.84 5.36 -1.64
N SER A 157 6.66 5.71 -0.36
CA SER A 157 6.95 7.09 0.12
C SER A 157 8.44 7.40 0.07
N TYR A 158 9.28 6.45 0.51
CA TYR A 158 10.74 6.62 0.39
C TYR A 158 11.17 6.77 -1.06
N PHE A 159 10.61 5.95 -1.95
CA PHE A 159 10.98 5.98 -3.36
C PHE A 159 10.62 7.32 -3.99
N LEU A 160 9.37 7.76 -3.81
CA LEU A 160 8.91 9.03 -4.36
C LEU A 160 9.63 10.23 -3.72
N ASP A 161 9.93 10.18 -2.42
CA ASP A 161 10.62 11.30 -1.75
C ASP A 161 12.10 11.48 -2.21
N GLU A 162 12.69 10.49 -2.88
CA GLU A 162 14.00 10.67 -3.53
C GLU A 162 13.94 11.79 -4.58
N PHE A 163 12.78 11.94 -5.22
CA PHE A 163 12.54 12.95 -6.26
C PHE A 163 12.03 14.27 -5.71
N LEU A 164 11.11 14.22 -4.76
CA LEU A 164 10.46 15.43 -4.21
C LEU A 164 11.19 16.14 -3.08
N GLY A 165 11.80 15.38 -2.17
CA GLY A 165 12.50 15.96 -1.02
C GLY A 165 11.59 16.82 -0.16
N ASP A 166 10.38 16.31 0.10
CA ASP A 166 9.33 17.04 0.82
C ASP A 166 8.34 15.98 1.33
N PRO A 167 8.61 15.37 2.51
CA PRO A 167 7.78 14.31 3.08
C PRO A 167 6.24 14.56 3.11
N ASP A 168 5.83 15.80 3.36
CA ASP A 168 4.41 16.18 3.36
C ASP A 168 3.77 16.11 1.97
N VAL A 169 4.48 16.62 0.96
CA VAL A 169 4.00 16.55 -0.43
C VAL A 169 3.99 15.09 -0.90
N THR A 170 5.08 14.36 -0.62
CA THR A 170 5.19 12.93 -0.94
C THR A 170 4.06 12.14 -0.31
N SER A 171 3.76 12.43 0.96
CA SER A 171 2.65 11.80 1.68
C SER A 171 1.28 12.05 1.03
N ASP A 172 1.05 13.29 0.61
CA ASP A 172 -0.23 13.66 -0.05
C ASP A 172 -0.41 13.00 -1.42
N ILE A 173 0.65 12.96 -2.23
CA ILE A 173 0.62 12.27 -3.53
C ILE A 173 0.36 10.77 -3.30
N VAL A 174 1.05 10.19 -2.33
CA VAL A 174 0.91 8.77 -1.99
C VAL A 174 -0.50 8.41 -1.51
N MSE A 175 -1.08 9.29 -0.68
CA MSE A 175 -2.43 9.05 -0.17
CA MSE A 175 -2.45 9.13 -0.15
C MSE A 175 -3.45 9.16 -1.30
O MSE A 175 -4.35 8.32 -1.39
CB MSE A 175 -2.77 9.96 1.03
CB MSE A 175 -2.75 10.29 0.84
CG MSE A 175 -3.84 9.40 1.97
CG MSE A 175 -4.19 10.38 1.35
SE MSE A 175 -3.32 7.73 2.90
SE MSE A 175 -4.35 11.82 2.64
CE MSE A 175 -1.61 8.30 3.69
CE MSE A 175 -3.99 13.36 1.49
N ASP A 176 -3.30 10.17 -2.17
CA ASP A 176 -4.17 10.32 -3.35
CA ASP A 176 -4.20 10.30 -3.33
C ASP A 176 -4.07 9.08 -4.25
N SER A 177 -2.84 8.59 -4.46
CA SER A 177 -2.56 7.39 -5.28
C SER A 177 -3.26 6.13 -4.73
N ALA A 178 -3.27 6.01 -3.41
CA ALA A 178 -3.96 4.92 -2.71
C ALA A 178 -5.49 5.06 -2.77
N GLN A 179 -6.00 6.29 -2.68
CA GLN A 179 -7.45 6.54 -2.68
C GLN A 179 -8.11 6.47 -4.04
N GLN A 180 -7.37 6.80 -5.09
CA GLN A 180 -7.87 6.87 -6.45
C GLN A 180 -7.30 5.75 -7.30
N PHE A 181 -8.18 5.02 -7.99
CA PHE A 181 -7.77 3.97 -8.90
C PHE A 181 -7.45 4.59 -10.25
N GLN A 182 -6.33 4.16 -10.83
CA GLN A 182 -5.93 4.50 -12.20
C GLN A 182 -5.62 3.18 -12.89
N ALA A 183 -6.04 3.06 -14.15
CA ALA A 183 -5.77 1.87 -14.93
C ALA A 183 -4.25 1.73 -15.14
N LEU A 184 -3.87 0.51 -15.38
CA LEU A 184 -2.48 0.10 -15.55
C LEU A 184 -2.02 0.78 -16.86
N PRO A 185 -0.76 1.27 -16.94
CA PRO A 185 -0.33 1.81 -18.24
C PRO A 185 -0.21 0.71 -19.32
N SER A 186 0.18 1.10 -20.52
CA SER A 186 0.38 0.15 -21.62
C SER A 186 1.53 -0.77 -21.22
N LEU A 187 1.59 -1.95 -21.84
CA LEU A 187 2.65 -2.90 -21.53
C LEU A 187 4.04 -2.29 -21.71
N ASP A 188 4.26 -1.55 -22.80
CA ASP A 188 5.57 -0.93 -23.05
C ASP A 188 5.98 0.04 -21.94
N GLU A 189 5.01 0.82 -21.46
CA GLU A 189 5.23 1.72 -20.31
C GLU A 189 5.52 0.96 -19.03
N VAL A 190 4.79 -0.13 -18.76
CA VAL A 190 5.03 -0.95 -17.57
C VAL A 190 6.45 -1.49 -17.58
N ILE A 191 6.88 -1.99 -18.74
CA ILE A 191 8.23 -2.51 -18.95
C ILE A 191 9.29 -1.40 -18.77
N ALA A 192 9.02 -0.22 -19.35
CA ALA A 192 9.92 0.93 -19.26
C ALA A 192 10.09 1.36 -17.81
N GLN A 193 8.98 1.41 -17.09
CA GLN A 193 8.97 1.78 -15.67
C GLN A 193 9.73 0.76 -14.83
N TYR A 194 9.43 -0.52 -15.04
CA TYR A 194 10.11 -1.63 -14.36
C TYR A 194 11.65 -1.58 -14.54
N ASP A 195 12.10 -1.43 -15.79
CA ASP A 195 13.53 -1.33 -16.15
C ASP A 195 14.25 -0.15 -15.45
N SER A 196 13.50 0.90 -15.12
CA SER A 196 14.06 2.09 -14.49
C SER A 196 14.28 1.99 -12.98
N ILE A 197 13.71 0.98 -12.31
CA ILE A 197 13.80 0.86 -10.86
C ILE A 197 15.15 0.20 -10.52
N ASN A 198 16.02 0.96 -9.86
CA ASN A 198 17.38 0.52 -9.51
C ASN A 198 17.54 -0.25 -8.19
N ASN A 199 16.57 -0.10 -7.27
CA ASN A 199 16.50 -0.89 -6.05
C ASN A 199 15.93 -2.29 -6.49
N PRO A 200 16.73 -3.39 -6.38
CA PRO A 200 16.23 -4.70 -6.87
C PRO A 200 14.98 -5.27 -6.18
N GLY A 201 14.82 -5.03 -4.88
CA GLY A 201 13.65 -5.48 -4.12
C GLY A 201 12.39 -4.75 -4.55
N ARG A 202 12.48 -3.43 -4.69
CA ARG A 202 11.34 -2.62 -5.24
C ARG A 202 10.94 -3.04 -6.63
N GLN A 203 11.94 -3.28 -7.48
CA GLN A 203 11.72 -3.70 -8.88
C GLN A 203 10.94 -5.03 -8.93
N ARG A 204 11.38 -6.02 -8.16
CA ARG A 204 10.66 -7.29 -8.01
C ARG A 204 9.19 -7.09 -7.58
N LEU A 205 8.96 -6.27 -6.55
CA LEU A 205 7.58 -6.07 -6.07
C LEU A 205 6.72 -5.29 -7.08
N PHE A 206 7.33 -4.32 -7.76
CA PHE A 206 6.65 -3.59 -8.87
C PHE A 206 6.05 -4.57 -9.88
N ARG A 207 6.87 -5.51 -10.35
CA ARG A 207 6.41 -6.60 -11.27
C ARG A 207 5.26 -7.44 -10.70
N ASP A 208 5.37 -7.80 -9.42
CA ASP A 208 4.37 -8.62 -8.72
C ASP A 208 3.04 -7.89 -8.50
N LEU A 209 3.12 -6.61 -8.15
CA LEU A 209 1.94 -5.77 -8.02
C LEU A 209 1.29 -5.55 -9.41
N ALA A 210 2.11 -5.36 -10.44
CA ALA A 210 1.64 -5.21 -11.82
C ALA A 210 0.89 -6.50 -12.23
N ARG A 211 1.42 -7.66 -11.84
CA ARG A 211 0.81 -8.96 -12.11
C ARG A 211 -0.54 -9.07 -11.41
N ARG A 212 -0.58 -8.73 -10.12
CA ARG A 212 -1.83 -8.83 -9.34
C ARG A 212 -2.90 -7.94 -9.92
N GLN A 213 -2.55 -6.68 -10.19
CA GLN A 213 -3.52 -5.75 -10.84
C GLN A 213 -3.99 -6.26 -12.21
N ALA A 214 -3.05 -6.81 -12.99
CA ALA A 214 -3.36 -7.42 -14.31
C ALA A 214 -4.28 -8.63 -14.20
N GLU A 215 -4.11 -9.45 -13.15
CA GLU A 215 -5.02 -10.56 -12.86
C GLU A 215 -6.45 -10.04 -12.58
N ILE A 216 -6.55 -9.00 -11.76
CA ILE A 216 -7.82 -8.39 -11.37
C ILE A 216 -8.51 -7.68 -12.54
N SER A 217 -7.76 -6.87 -13.29
CA SER A 217 -8.32 -6.14 -14.45
CA SER A 217 -8.30 -6.14 -14.46
C SER A 217 -8.38 -6.98 -15.74
N ARG A 218 -7.81 -8.18 -15.73
CA ARG A 218 -7.75 -9.09 -16.88
C ARG A 218 -6.90 -8.54 -18.05
N ALA A 219 -5.86 -7.76 -17.72
CA ALA A 219 -4.90 -7.26 -18.69
C ALA A 219 -3.88 -8.42 -18.90
N GLN A 220 -4.19 -9.35 -19.79
CA GLN A 220 -3.38 -10.56 -19.97
C GLN A 220 -1.96 -10.37 -20.50
N ASP A 221 -1.76 -9.35 -21.35
CA ASP A 221 -0.41 -9.04 -21.87
C ASP A 221 0.55 -8.66 -20.72
N ILE A 222 0.06 -7.82 -19.80
CA ILE A 222 0.86 -7.40 -18.63
C ILE A 222 1.04 -8.61 -17.70
N GLU A 223 -0.01 -9.40 -17.50
CA GLU A 223 0.07 -10.60 -16.68
C GLU A 223 1.12 -11.59 -17.23
N LEU A 224 1.07 -11.86 -18.55
CA LEU A 224 2.02 -12.78 -19.18
C LEU A 224 3.45 -12.24 -19.06
N TRP A 225 3.62 -10.94 -19.30
CA TRP A 225 4.92 -10.29 -19.12
C TRP A 225 5.45 -10.52 -17.69
N ALA A 226 4.62 -10.19 -16.71
CA ALA A 226 4.99 -10.29 -15.29
C ALA A 226 5.43 -11.70 -14.88
N ILE A 227 4.66 -12.72 -15.31
CA ILE A 227 4.95 -14.15 -15.06
CA ILE A 227 5.02 -14.11 -14.96
C ILE A 227 6.28 -14.59 -15.71
N GLN A 228 6.53 -14.10 -16.92
CA GLN A 228 7.80 -14.41 -17.65
C GLN A 228 9.04 -13.80 -16.95
N LYS A 229 8.85 -12.72 -16.18
CA LYS A 229 9.92 -12.11 -15.38
C LYS A 229 10.01 -12.81 -13.97
N GLU A 230 9.64 -14.10 -13.91
CA GLU A 230 9.57 -14.91 -12.66
CA GLU A 230 9.60 -14.90 -12.66
C GLU A 230 8.57 -14.31 -11.68
N MSE B 2 1.81 42.41 -13.99
CA MSE B 2 2.10 41.85 -15.34
C MSE B 2 1.32 40.58 -15.59
O MSE B 2 1.14 39.76 -14.68
CB MSE B 2 3.61 41.56 -15.50
CG MSE B 2 4.05 41.17 -16.94
SE MSE B 2 4.06 39.27 -17.41
CE MSE B 2 5.35 38.64 -16.19
N GLN B 3 0.86 40.42 -16.84
CA GLN B 3 0.14 39.23 -17.30
C GLN B 3 0.59 38.90 -18.73
N ALA B 4 0.88 37.62 -19.01
CA ALA B 4 1.23 37.18 -20.37
C ALA B 4 -0.02 37.28 -21.27
N PRO B 5 0.16 37.36 -22.60
CA PRO B 5 -1.01 37.43 -23.48
C PRO B 5 -1.73 36.09 -23.62
N ARG B 6 -2.99 36.15 -24.05
CA ARG B 6 -3.77 34.94 -24.35
C ARG B 6 -3.31 34.51 -25.74
N LEU B 7 -2.78 33.28 -25.82
CA LEU B 7 -2.15 32.76 -27.00
C LEU B 7 -3.08 31.93 -27.90
N ARG B 8 -2.80 31.94 -29.20
CA ARG B 8 -3.49 31.08 -30.16
C ARG B 8 -2.72 29.77 -30.04
N VAL B 9 -3.36 28.76 -29.45
CA VAL B 9 -2.75 27.46 -29.15
C VAL B 9 -3.27 26.36 -30.09
N GLY B 10 -2.35 25.66 -30.75
CA GLY B 10 -2.66 24.52 -31.64
C GLY B 10 -2.22 23.28 -30.89
N ILE B 11 -3.19 22.46 -30.44
CA ILE B 11 -2.90 21.26 -29.63
C ILE B 11 -3.14 19.92 -30.37
N PHE B 12 -2.18 19.01 -30.23
CA PHE B 12 -2.26 17.66 -30.77
C PHE B 12 -2.60 16.75 -29.59
N ASP B 13 -3.85 16.28 -29.55
CA ASP B 13 -4.33 15.35 -28.52
C ASP B 13 -4.45 13.98 -29.22
N ASP B 14 -3.81 12.99 -28.61
CA ASP B 14 -3.63 11.65 -29.12
C ASP B 14 -4.52 10.59 -28.46
N GLY B 15 -4.97 10.87 -27.24
CA GLY B 15 -5.71 9.91 -26.41
C GLY B 15 -4.80 9.19 -25.42
N SER B 16 -3.47 9.27 -25.62
CA SER B 16 -2.48 8.63 -24.75
C SER B 16 -2.26 9.35 -23.41
N SER B 17 -2.45 10.67 -23.38
CA SER B 17 -2.26 11.48 -22.17
C SER B 17 -3.56 11.73 -21.42
N THR B 18 -3.46 11.84 -20.11
CA THR B 18 -4.57 12.23 -19.22
C THR B 18 -4.26 13.61 -18.55
N VAL B 19 -3.33 14.38 -19.12
CA VAL B 19 -2.97 15.72 -18.61
C VAL B 19 -4.10 16.73 -18.86
N ASN B 20 -4.85 16.54 -19.96
CA ASN B 20 -5.95 17.41 -20.37
C ASN B 20 -5.46 18.85 -20.52
N MSE B 21 -4.37 19.02 -21.29
CA MSE B 21 -3.74 20.33 -21.47
C MSE B 21 -4.59 21.30 -22.29
O MSE B 21 -4.52 22.51 -22.05
CB MSE B 21 -2.34 20.19 -22.08
CG MSE B 21 -1.50 21.46 -22.06
SE MSE B 21 -1.30 22.21 -20.28
CE MSE B 21 -0.23 20.90 -19.50
N ALA B 22 -5.35 20.79 -23.26
CA ALA B 22 -6.28 21.64 -24.05
C ALA B 22 -7.27 22.32 -23.11
N GLU B 23 -7.89 21.52 -22.25
CA GLU B 23 -8.84 21.97 -21.24
C GLU B 23 -8.20 22.94 -20.26
N LYS B 24 -7.03 22.58 -19.72
CA LYS B 24 -6.29 23.44 -18.76
C LYS B 24 -5.97 24.82 -19.35
N LEU B 25 -5.41 24.86 -20.56
CA LEU B 25 -5.07 26.13 -21.23
C LEU B 25 -6.30 26.96 -21.64
N ASP B 26 -7.37 26.28 -22.03
CA ASP B 26 -8.63 26.97 -22.40
C ASP B 26 -9.26 27.65 -21.17
N SER B 27 -9.26 26.93 -20.04
CA SER B 27 -9.85 27.41 -18.78
C SER B 27 -9.25 28.71 -18.20
N VAL B 28 -7.98 29.00 -18.51
CA VAL B 28 -7.31 30.24 -18.08
C VAL B 28 -7.34 31.36 -19.16
N GLY B 29 -8.07 31.14 -20.26
CA GLY B 29 -8.31 32.17 -21.29
C GLY B 29 -7.62 32.08 -22.62
N HIS B 30 -6.78 31.07 -22.84
CA HIS B 30 -6.08 30.91 -24.13
C HIS B 30 -7.03 30.37 -25.17
N TYR B 31 -6.70 30.61 -26.43
CA TYR B 31 -7.55 30.22 -27.57
C TYR B 31 -6.96 28.92 -28.12
N VAL B 32 -7.59 27.80 -27.75
CA VAL B 32 -7.11 26.45 -28.08
C VAL B 32 -7.89 25.76 -29.22
N THR B 33 -7.17 25.38 -30.29
CA THR B 33 -7.70 24.61 -31.42
C THR B 33 -7.04 23.22 -31.40
N VAL B 34 -7.85 22.16 -31.51
CA VAL B 34 -7.33 20.80 -31.59
C VAL B 34 -6.93 20.56 -33.06
N LEU B 35 -5.62 20.39 -33.30
CA LEU B 35 -5.08 20.14 -34.64
C LEU B 35 -5.04 18.64 -34.93
N HIS B 36 -5.27 18.31 -36.21
CA HIS B 36 -5.24 16.92 -36.70
C HIS B 36 -4.15 16.66 -37.76
N ALA B 37 -3.75 17.70 -38.52
CA ALA B 37 -2.68 17.63 -39.52
C ALA B 37 -1.49 18.52 -39.09
N PRO B 38 -0.22 18.04 -39.27
CA PRO B 38 0.99 18.84 -38.94
C PRO B 38 1.09 20.25 -39.56
N GLU B 39 0.66 20.39 -40.81
CA GLU B 39 0.66 21.68 -41.54
C GLU B 39 -0.26 22.77 -40.95
N ASP B 40 -1.24 22.37 -40.13
CA ASP B 40 -2.15 23.31 -39.47
C ASP B 40 -1.50 24.18 -38.37
N ILE B 41 -0.28 23.87 -37.93
CA ILE B 41 0.42 24.66 -36.89
C ILE B 41 0.81 26.09 -37.32
N ARG B 42 0.99 26.30 -38.63
CA ARG B 42 1.41 27.58 -39.23
C ARG B 42 0.99 28.87 -38.53
N ASP B 43 -0.32 29.06 -38.34
CA ASP B 43 -0.89 30.29 -37.73
C ASP B 43 -0.94 30.36 -36.19
N PHE B 44 -0.44 29.33 -35.50
CA PHE B 44 -0.51 29.26 -34.02
C PHE B 44 0.77 29.72 -33.33
N GLU B 45 0.58 30.51 -32.26
CA GLU B 45 1.68 31.04 -31.43
C GLU B 45 2.35 29.92 -30.60
N LEU B 46 1.54 29.06 -29.99
CA LEU B 46 2.00 27.91 -29.18
C LEU B 46 1.45 26.61 -29.76
N VAL B 47 2.34 25.63 -29.98
CA VAL B 47 1.96 24.30 -30.46
C VAL B 47 2.17 23.31 -29.29
N VAL B 48 1.11 22.67 -28.82
CA VAL B 48 1.16 21.71 -27.71
C VAL B 48 1.07 20.25 -28.19
N ILE B 49 2.02 19.42 -27.80
CA ILE B 49 2.05 17.98 -28.09
C ILE B 49 1.59 17.31 -26.78
N ASP B 50 0.28 17.12 -26.62
CA ASP B 50 -0.30 16.49 -25.42
C ASP B 50 -0.48 14.99 -25.66
N ALA B 51 0.66 14.31 -25.77
CA ALA B 51 0.69 12.87 -26.10
C ALA B 51 1.95 12.20 -25.57
N HIS B 52 1.88 10.88 -25.47
CA HIS B 52 3.01 10.06 -25.00
C HIS B 52 4.08 9.92 -26.08
N GLY B 53 3.68 9.79 -27.36
CA GLY B 53 4.61 9.64 -28.48
C GLY B 53 5.11 10.95 -29.01
N VAL B 54 5.87 11.68 -28.18
CA VAL B 54 6.35 13.02 -28.53
C VAL B 54 7.30 13.00 -29.73
N GLU B 55 8.28 12.09 -29.69
CA GLU B 55 9.27 11.89 -30.78
C GLU B 55 8.64 11.79 -32.18
N GLY B 56 7.50 11.09 -32.27
CA GLY B 56 6.75 10.92 -33.50
C GLY B 56 6.13 12.21 -34.00
N TYR B 57 5.54 12.99 -33.07
CA TYR B 57 4.97 14.31 -33.40
C TYR B 57 6.04 15.32 -33.83
N VAL B 58 7.16 15.36 -33.09
CA VAL B 58 8.31 16.25 -33.38
C VAL B 58 8.83 16.01 -34.82
N GLU B 59 8.91 14.74 -35.20
CA GLU B 59 9.31 14.33 -36.57
C GLU B 59 8.34 14.87 -37.64
N LYS B 60 7.03 14.78 -37.37
CA LYS B 60 5.99 15.29 -38.30
C LYS B 60 5.94 16.82 -38.33
N LEU B 61 6.00 17.46 -37.17
CA LEU B 61 5.96 18.93 -37.05
C LEU B 61 7.20 19.67 -37.60
N SER B 62 8.38 19.03 -37.57
CA SER B 62 9.68 19.60 -38.04
C SER B 62 9.61 20.46 -39.30
N ALA B 63 9.01 19.90 -40.35
CA ALA B 63 8.88 20.56 -41.68
C ALA B 63 8.04 21.84 -41.72
N PHE B 64 7.15 22.03 -40.73
CA PHE B 64 6.26 23.21 -40.66
C PHE B 64 6.60 24.23 -39.56
N ALA B 65 7.56 23.90 -38.68
CA ALA B 65 7.95 24.78 -37.57
C ALA B 65 8.60 26.07 -38.09
N ARG B 66 8.08 27.22 -37.66
CA ARG B 66 8.59 28.55 -38.03
C ARG B 66 9.42 29.16 -36.90
N ARG B 67 10.09 30.28 -37.19
CA ARG B 67 10.90 31.00 -36.18
C ARG B 67 9.97 31.71 -35.19
N GLY B 68 10.31 31.65 -33.90
CA GLY B 68 9.48 32.27 -32.86
C GLY B 68 8.26 31.51 -32.38
N GLN B 69 7.93 30.37 -33.02
CA GLN B 69 6.82 29.52 -32.57
C GLN B 69 7.22 28.82 -31.27
N MSE B 70 6.26 28.71 -30.37
CA MSE B 70 6.45 28.02 -29.09
C MSE B 70 6.01 26.58 -29.23
O MSE B 70 5.02 26.32 -29.93
CB MSE B 70 5.70 28.73 -27.98
CG MSE B 70 6.40 29.99 -27.52
SE MSE B 70 5.26 31.03 -26.40
CE MSE B 70 4.22 31.87 -27.76
N PHE B 71 6.75 25.67 -28.61
CA PHE B 71 6.44 24.23 -28.63
C PHE B 71 6.52 23.66 -27.22
N LEU B 72 5.48 22.92 -26.81
CA LEU B 72 5.41 22.33 -25.46
C LEU B 72 4.92 20.90 -25.51
N HIS B 73 5.62 19.98 -24.81
CA HIS B 73 5.15 18.59 -24.71
C HIS B 73 4.78 18.30 -23.25
N THR B 74 3.80 17.42 -23.06
CA THR B 74 3.31 17.07 -21.72
C THR B 74 3.76 15.69 -21.21
N SER B 75 4.67 15.03 -21.94
CA SER B 75 5.18 13.71 -21.53
C SER B 75 6.04 13.86 -20.28
N LEU B 76 5.81 12.97 -19.31
CA LEU B 76 6.62 12.92 -18.11
C LEU B 76 8.00 12.34 -18.40
N THR B 77 8.06 11.30 -19.24
CA THR B 77 9.28 10.54 -19.50
C THR B 77 10.27 11.17 -20.49
N HIS B 78 9.80 12.04 -21.40
CA HIS B 78 10.70 12.69 -22.35
C HIS B 78 11.40 13.90 -21.74
N GLY B 79 12.71 13.97 -21.94
CA GLY B 79 13.51 15.14 -21.57
C GLY B 79 13.34 16.16 -22.68
N ILE B 80 13.92 17.34 -22.51
CA ILE B 80 13.77 18.41 -23.49
C ILE B 80 14.49 18.17 -24.83
N THR B 81 15.47 17.25 -24.88
CA THR B 81 16.22 16.97 -26.12
C THR B 81 15.35 16.43 -27.27
N VAL B 82 14.20 15.82 -26.95
CA VAL B 82 13.21 15.35 -27.95
C VAL B 82 12.69 16.50 -28.85
N MSE B 83 12.72 17.72 -28.29
CA MSE B 83 12.31 18.95 -28.99
C MSE B 83 13.43 19.62 -29.80
O MSE B 83 13.11 20.56 -30.54
CB MSE B 83 11.78 19.97 -27.97
CG MSE B 83 10.69 19.44 -27.03
SE MSE B 83 9.08 18.93 -27.99
CE MSE B 83 8.15 20.64 -27.85
N ASP B 84 14.69 19.15 -29.69
CA ASP B 84 15.87 19.73 -30.42
C ASP B 84 15.63 20.15 -31.88
N PRO B 85 15.01 19.26 -32.70
CA PRO B 85 14.68 19.66 -34.09
C PRO B 85 13.87 20.96 -34.19
N LEU B 86 12.98 21.19 -33.23
CA LEU B 86 12.14 22.39 -33.18
C LEU B 86 12.94 23.64 -32.77
N GLU B 87 13.93 23.53 -31.86
CA GLU B 87 14.79 24.70 -31.51
C GLU B 87 15.63 25.08 -32.72
N THR B 88 16.38 24.11 -33.26
CA THR B 88 17.24 24.34 -34.46
C THR B 88 16.46 24.96 -35.63
N SER B 89 15.18 24.58 -35.75
CA SER B 89 14.24 25.15 -36.72
C SER B 89 13.68 26.55 -36.31
N GLY B 90 14.22 27.19 -35.26
CA GLY B 90 13.81 28.53 -34.79
C GLY B 90 12.81 28.64 -33.64
N GLY B 91 12.34 27.50 -33.13
CA GLY B 91 11.31 27.45 -32.08
C GLY B 91 11.75 27.67 -30.64
N ILE B 92 10.78 28.02 -29.79
CA ILE B 92 10.95 28.23 -28.35
C ILE B 92 10.37 26.97 -27.70
N VAL B 93 11.24 26.01 -27.35
CA VAL B 93 10.81 24.68 -26.86
C VAL B 93 10.67 24.56 -25.33
N MSE B 94 9.65 23.82 -24.90
CA MSE B 94 9.32 23.66 -23.47
C MSE B 94 8.65 22.31 -23.21
O MSE B 94 8.29 21.60 -24.12
CB MSE B 94 8.30 24.73 -23.06
CG MSE B 94 8.76 26.18 -23.13
SE MSE B 94 7.22 27.32 -23.08
CE MSE B 94 6.59 27.05 -24.82
N SER B 95 8.51 21.97 -21.93
CA SER B 95 7.76 20.80 -21.49
C SER B 95 7.18 21.07 -20.11
N ALA B 96 6.02 20.48 -19.84
CA ALA B 96 5.33 20.65 -18.55
C ALA B 96 4.39 19.47 -18.32
N HIS B 97 4.55 18.78 -17.19
CA HIS B 97 3.72 17.63 -16.81
C HIS B 97 3.32 17.71 -15.35
N PRO B 98 2.00 17.64 -15.03
CA PRO B 98 1.57 17.67 -13.64
C PRO B 98 1.71 16.27 -13.02
N ILE B 99 2.37 16.19 -11.86
CA ILE B 99 2.58 14.91 -11.14
C ILE B 99 1.68 14.72 -9.90
N GLY B 100 0.84 15.71 -9.60
CA GLY B 100 -0.10 15.67 -8.50
C GLY B 100 0.16 16.75 -7.48
N GLN B 101 -0.88 17.09 -6.72
CA GLN B 101 -0.82 18.11 -5.66
C GLN B 101 -0.36 19.46 -6.21
N ASP B 102 -0.78 19.77 -7.43
CA ASP B 102 -0.37 20.97 -8.15
C ASP B 102 1.16 21.12 -8.35
N ARG B 103 1.90 20.00 -8.31
CA ARG B 103 3.34 19.98 -8.51
C ARG B 103 3.56 19.54 -9.96
N TRP B 104 4.49 20.21 -10.63
CA TRP B 104 4.82 19.95 -12.03
C TRP B 104 6.30 19.80 -12.26
N VAL B 105 6.63 19.08 -13.33
CA VAL B 105 8.01 18.96 -13.79
C VAL B 105 8.01 19.70 -15.14
N ALA B 106 9.00 20.56 -15.34
CA ALA B 106 9.10 21.38 -16.54
C ALA B 106 10.52 21.48 -17.04
N SER B 107 10.67 21.71 -18.34
CA SER B 107 11.98 21.90 -18.97
C SER B 107 11.91 22.89 -20.12
N ALA B 108 13.09 23.38 -20.47
CA ALA B 108 13.30 24.30 -21.58
C ALA B 108 14.76 24.18 -22.03
N LEU B 109 15.04 24.66 -23.25
CA LEU B 109 16.40 24.69 -23.78
C LEU B 109 17.09 26.05 -23.57
N ASP B 110 16.30 27.10 -23.30
CA ASP B 110 16.83 28.45 -23.14
C ASP B 110 16.06 29.27 -22.11
N GLU B 111 16.67 30.40 -21.73
CA GLU B 111 16.11 31.32 -20.72
C GLU B 111 14.67 31.79 -21.02
N LEU B 112 14.38 32.05 -22.30
CA LEU B 112 13.05 32.48 -22.73
C LEU B 112 12.02 31.37 -22.50
N GLY B 113 12.35 30.15 -22.93
CA GLY B 113 11.48 29.00 -22.74
C GLY B 113 11.20 28.71 -21.28
N GLU B 114 12.27 28.72 -20.48
CA GLU B 114 12.18 28.51 -19.02
C GLU B 114 11.28 29.53 -18.33
N THR B 115 11.39 30.80 -18.71
CA THR B 115 10.55 31.86 -18.13
C THR B 115 9.08 31.65 -18.52
N ILE B 116 8.83 31.36 -19.81
CA ILE B 116 7.47 31.16 -20.34
C ILE B 116 6.79 29.93 -19.70
N VAL B 117 7.51 28.80 -19.62
CA VAL B 117 6.93 27.56 -19.05
C VAL B 117 6.61 27.73 -17.55
N GLY B 118 7.44 28.48 -16.82
CA GLY B 118 7.19 28.81 -15.42
C GLY B 118 5.92 29.63 -15.27
N LEU B 119 5.72 30.59 -16.17
CA LEU B 119 4.51 31.43 -16.16
C LEU B 119 3.25 30.66 -16.51
N LEU B 120 3.32 29.79 -17.54
CA LEU B 120 2.17 28.94 -17.91
C LEU B 120 1.81 27.99 -16.77
N VAL B 121 2.81 27.38 -16.14
CA VAL B 121 2.58 26.49 -14.98
C VAL B 121 1.95 27.25 -13.81
N GLY B 122 2.48 28.44 -13.51
CA GLY B 122 1.94 29.32 -12.46
C GLY B 122 0.49 29.67 -12.71
N GLU B 123 0.13 29.96 -13.97
CA GLU B 123 -1.26 30.26 -14.36
C GLU B 123 -2.20 29.06 -14.17
N LEU B 124 -1.65 27.84 -14.28
CA LEU B 124 -2.41 26.61 -14.04
C LEU B 124 -2.38 26.21 -12.54
N GLY B 125 -2.03 27.14 -11.64
CA GLY B 125 -2.02 26.92 -10.20
C GLY B 125 -0.93 26.02 -9.67
N GLY B 126 0.12 25.81 -10.46
CA GLY B 126 1.19 24.89 -10.13
C GLY B 126 2.50 25.49 -9.68
N SER B 127 3.35 24.62 -9.15
CA SER B 127 4.71 24.99 -8.77
C SER B 127 5.66 23.88 -9.27
N ILE B 128 6.80 24.30 -9.80
CA ILE B 128 7.74 23.41 -10.44
C ILE B 128 8.65 22.74 -9.41
N VAL B 129 8.82 21.43 -9.56
CA VAL B 129 9.71 20.60 -8.73
C VAL B 129 10.91 20.29 -9.61
N GLU B 130 12.11 20.55 -9.10
CA GLU B 130 13.33 20.37 -9.86
C GLU B 130 13.72 18.88 -9.87
N ILE B 131 13.81 18.32 -11.07
CA ILE B 131 14.16 16.93 -11.32
C ILE B 131 15.07 16.89 -12.55
N ALA B 132 16.12 16.08 -12.50
CA ALA B 132 16.99 15.89 -13.65
C ALA B 132 16.17 15.10 -14.64
N ASP B 133 16.20 15.51 -15.91
CA ASP B 133 15.48 14.80 -17.00
C ASP B 133 15.84 13.31 -17.09
N ASP B 134 17.09 13.02 -16.72
CA ASP B 134 17.63 11.67 -16.65
C ASP B 134 16.87 10.75 -15.67
N LYS B 135 16.31 11.34 -14.61
CA LYS B 135 15.51 10.62 -13.60
C LYS B 135 13.98 10.58 -13.84
N ARG B 136 13.50 11.12 -14.96
CA ARG B 136 12.06 11.13 -15.30
C ARG B 136 11.42 9.77 -15.46
N ALA B 137 12.13 8.87 -16.13
CA ALA B 137 11.67 7.49 -16.34
C ALA B 137 11.38 6.83 -14.98
N GLN B 138 12.29 7.00 -14.01
CA GLN B 138 12.06 6.42 -12.67
C GLN B 138 11.05 7.17 -11.82
N LEU B 139 10.83 8.47 -12.09
CA LEU B 139 9.74 9.19 -11.41
C LEU B 139 8.38 8.59 -11.82
N ALA B 140 8.21 8.31 -13.11
CA ALA B 140 7.00 7.62 -13.63
C ALA B 140 6.78 6.30 -12.93
N ALA B 141 7.86 5.53 -12.74
CA ALA B 141 7.84 4.24 -12.05
C ALA B 141 7.36 4.38 -10.60
N ALA B 142 7.88 5.42 -9.91
CA ALA B 142 7.58 5.69 -8.51
C ALA B 142 6.12 6.07 -8.29
N LEU B 143 5.56 6.86 -9.20
CA LEU B 143 4.14 7.22 -9.15
C LEU B 143 3.25 5.99 -9.35
N THR B 144 3.61 5.15 -10.32
CA THR B 144 2.87 3.92 -10.57
C THR B 144 2.94 2.96 -9.36
N TYR B 145 4.14 2.86 -8.76
CA TYR B 145 4.40 2.02 -7.58
C TYR B 145 3.49 2.45 -6.43
N ALA B 146 3.40 3.75 -6.19
CA ALA B 146 2.49 4.33 -5.17
C ALA B 146 1.03 3.98 -5.50
N GLY B 147 0.67 4.04 -6.79
CA GLY B 147 -0.66 3.72 -7.29
C GLY B 147 -1.14 2.32 -7.02
N PHE B 148 -0.20 1.36 -6.87
CA PHE B 148 -0.54 -0.01 -6.50
C PHE B 148 -1.08 -0.12 -5.09
N LEU B 149 -0.92 0.90 -4.24
CA LEU B 149 -1.60 0.91 -2.95
C LEU B 149 -3.11 0.72 -3.11
N SER B 150 -3.68 1.28 -4.21
CA SER B 150 -5.11 1.14 -4.46
CA SER B 150 -5.11 1.15 -4.54
C SER B 150 -5.47 -0.33 -4.80
N THR B 151 -4.66 -0.98 -5.62
CA THR B 151 -4.83 -2.41 -5.94
C THR B 151 -4.86 -3.26 -4.65
N LEU B 152 -3.84 -3.08 -3.82
CA LEU B 152 -3.70 -3.86 -2.57
C LEU B 152 -4.81 -3.56 -1.54
N GLN B 153 -5.17 -2.29 -1.39
CA GLN B 153 -6.21 -1.87 -0.45
C GLN B 153 -7.56 -2.49 -0.84
N ARG B 154 -7.94 -2.37 -2.10
CA ARG B 154 -9.22 -2.97 -2.57
C ARG B 154 -9.18 -4.50 -2.43
N ASP B 155 -8.07 -5.11 -2.86
CA ASP B 155 -7.92 -6.58 -2.81
C ASP B 155 -7.98 -7.13 -1.37
N ALA B 156 -7.26 -6.44 -0.47
CA ALA B 156 -7.26 -6.76 0.98
C ALA B 156 -8.62 -6.56 1.64
N SER B 157 -9.37 -5.54 1.20
CA SER B 157 -10.71 -5.26 1.70
C SER B 157 -11.68 -6.35 1.30
N TYR B 158 -11.66 -6.75 0.02
CA TYR B 158 -12.50 -7.86 -0.43
C TYR B 158 -12.16 -9.14 0.31
N PHE B 159 -10.87 -9.41 0.52
CA PHE B 159 -10.43 -10.60 1.22
C PHE B 159 -10.90 -10.58 2.67
N LEU B 160 -10.60 -9.51 3.40
CA LEU B 160 -11.02 -9.43 4.82
C LEU B 160 -12.55 -9.43 5.00
N ASP B 161 -13.27 -8.83 4.05
CA ASP B 161 -14.73 -8.78 4.13
C ASP B 161 -15.42 -10.14 3.93
N GLU B 162 -14.72 -11.14 3.38
CA GLU B 162 -15.23 -12.53 3.32
C GLU B 162 -15.50 -13.11 4.73
N PHE B 163 -14.75 -12.63 5.73
CA PHE B 163 -14.86 -13.08 7.13
C PHE B 163 -15.79 -12.24 7.99
N LEU B 164 -15.76 -10.92 7.77
CA LEU B 164 -16.52 -9.97 8.59
C LEU B 164 -17.91 -9.66 8.06
N GLY B 165 -18.05 -9.56 6.73
CA GLY B 165 -19.34 -9.25 6.11
C GLY B 165 -19.89 -7.92 6.61
N ASP B 166 -19.00 -6.93 6.63
CA ASP B 166 -19.29 -5.59 7.17
C ASP B 166 -18.30 -4.66 6.46
N PRO B 167 -18.64 -4.19 5.24
CA PRO B 167 -17.69 -3.40 4.43
C PRO B 167 -17.06 -2.17 5.10
N ASP B 168 -17.83 -1.47 5.93
CA ASP B 168 -17.34 -0.26 6.61
C ASP B 168 -16.31 -0.57 7.69
N VAL B 169 -16.56 -1.61 8.47
CA VAL B 169 -15.60 -2.05 9.50
C VAL B 169 -14.33 -2.57 8.81
N THR B 170 -14.50 -3.42 7.79
CA THR B 170 -13.39 -3.94 6.98
C THR B 170 -12.51 -2.83 6.42
N SER B 171 -13.11 -1.77 5.87
CA SER B 171 -12.34 -0.65 5.31
C SER B 171 -11.58 0.09 6.39
N ASP B 172 -12.22 0.31 7.54
CA ASP B 172 -11.54 0.97 8.68
C ASP B 172 -10.36 0.15 9.21
N ILE B 173 -10.52 -1.17 9.31
CA ILE B 173 -9.41 -2.06 9.74
C ILE B 173 -8.27 -1.97 8.72
N VAL B 174 -8.62 -2.06 7.43
CA VAL B 174 -7.63 -1.98 6.35
C VAL B 174 -6.86 -0.64 6.37
N MSE B 175 -7.57 0.49 6.55
CA MSE B 175 -6.98 1.85 6.66
CA MSE B 175 -6.91 1.81 6.62
C MSE B 175 -5.95 1.89 7.80
O MSE B 175 -4.84 2.38 7.65
CB MSE B 175 -8.10 2.88 6.94
CB MSE B 175 -7.89 3.00 6.60
CG MSE B 175 -7.70 4.34 7.24
CG MSE B 175 -7.81 3.85 5.31
SE MSE B 175 -9.21 5.42 7.91
SE MSE B 175 -6.02 4.69 5.11
CE MSE B 175 -9.68 4.48 9.59
CE MSE B 175 -5.96 5.76 6.75
N ASP B 176 -6.38 1.40 8.98
CA ASP B 176 -5.53 1.33 10.17
C ASP B 176 -4.29 0.48 9.92
N SER B 177 -4.47 -0.65 9.22
CA SER B 177 -3.38 -1.56 8.85
C SER B 177 -2.30 -0.89 7.99
N ALA B 178 -2.71 0.02 7.11
CA ALA B 178 -1.78 0.76 6.26
C ALA B 178 -0.97 1.79 7.06
N GLN B 179 -1.60 2.43 8.05
CA GLN B 179 -0.95 3.49 8.83
C GLN B 179 -0.21 3.05 10.08
N GLN B 180 -0.40 1.80 10.50
CA GLN B 180 0.23 1.26 11.70
C GLN B 180 1.22 0.17 11.29
N PHE B 181 2.49 0.34 11.67
CA PHE B 181 3.53 -0.65 11.36
C PHE B 181 3.40 -1.87 12.27
N GLN B 182 3.66 -3.05 11.70
CA GLN B 182 3.80 -4.31 12.45
C GLN B 182 4.88 -5.19 11.83
N ALA B 183 5.71 -5.80 12.68
CA ALA B 183 6.76 -6.71 12.24
C ALA B 183 6.17 -7.99 11.69
N LEU B 184 6.95 -8.68 10.87
CA LEU B 184 6.57 -9.98 10.33
C LEU B 184 6.39 -10.96 11.48
N PRO B 185 5.41 -11.86 11.39
CA PRO B 185 5.33 -12.91 12.40
C PRO B 185 6.49 -13.93 12.15
N SER B 186 6.49 -15.03 12.89
CA SER B 186 7.54 -16.05 12.72
C SER B 186 7.39 -16.72 11.34
N LEU B 187 8.45 -17.36 10.86
CA LEU B 187 8.42 -18.06 9.55
C LEU B 187 7.28 -19.07 9.51
N ASP B 188 7.18 -19.93 10.54
CA ASP B 188 6.09 -20.94 10.60
C ASP B 188 4.71 -20.31 10.50
N GLU B 189 4.50 -19.16 11.16
CA GLU B 189 3.25 -18.42 11.04
C GLU B 189 3.01 -17.87 9.63
N VAL B 190 4.04 -17.30 9.01
CA VAL B 190 3.97 -16.78 7.62
C VAL B 190 3.60 -17.93 6.66
N ILE B 191 4.25 -19.08 6.84
CA ILE B 191 3.97 -20.27 6.01
C ILE B 191 2.53 -20.79 6.21
N ALA B 192 2.08 -20.86 7.47
CA ALA B 192 0.71 -21.31 7.80
C ALA B 192 -0.33 -20.38 7.18
N GLN B 193 -0.09 -19.07 7.28
CA GLN B 193 -0.98 -18.06 6.67
C GLN B 193 -1.00 -18.16 5.14
N TYR B 194 0.18 -18.22 4.52
CA TYR B 194 0.32 -18.41 3.06
C TYR B 194 -0.42 -19.67 2.57
N ASP B 195 -0.22 -20.79 3.27
CA ASP B 195 -0.90 -22.05 2.95
C ASP B 195 -2.44 -21.97 3.00
N SER B 196 -2.98 -21.14 3.89
CA SER B 196 -4.44 -21.02 4.06
C SER B 196 -5.17 -20.18 3.01
N ILE B 197 -4.45 -19.45 2.16
CA ILE B 197 -5.08 -18.53 1.20
C ILE B 197 -5.62 -19.31 0.00
N ASN B 198 -6.93 -19.22 -0.24
CA ASN B 198 -7.62 -19.93 -1.33
C ASN B 198 -7.55 -19.26 -2.71
N ASN B 199 -7.39 -17.95 -2.74
CA ASN B 199 -7.24 -17.20 -3.96
C ASN B 199 -5.76 -17.31 -4.39
N PRO B 200 -5.46 -18.00 -5.52
CA PRO B 200 -4.06 -18.16 -5.94
C PRO B 200 -3.28 -16.86 -6.20
N GLY B 201 -3.96 -15.85 -6.76
CA GLY B 201 -3.41 -14.53 -7.00
C GLY B 201 -3.01 -13.80 -5.73
N ARG B 202 -3.89 -13.82 -4.74
CA ARG B 202 -3.59 -13.20 -3.44
C ARG B 202 -2.51 -13.96 -2.69
N GLN B 203 -2.56 -15.28 -2.75
CA GLN B 203 -1.56 -16.14 -2.10
C GLN B 203 -0.16 -15.80 -2.65
N ARG B 204 -0.06 -15.72 -3.96
CA ARG B 204 1.17 -15.38 -4.66
C ARG B 204 1.69 -13.98 -4.24
N LEU B 205 0.81 -12.97 -4.20
CA LEU B 205 1.20 -11.61 -3.79
C LEU B 205 1.54 -11.53 -2.29
N PHE B 206 0.87 -12.33 -1.46
CA PHE B 206 1.17 -12.43 -0.01
C PHE B 206 2.65 -12.83 0.16
N ARG B 207 3.08 -13.82 -0.61
CA ARG B 207 4.49 -14.28 -0.60
C ARG B 207 5.46 -13.17 -1.06
N ASP B 208 5.11 -12.49 -2.13
CA ASP B 208 5.93 -11.39 -2.68
C ASP B 208 6.05 -10.19 -1.72
N LEU B 209 4.95 -9.85 -1.06
CA LEU B 209 4.92 -8.78 -0.05
C LEU B 209 5.76 -9.18 1.18
N ALA B 210 5.64 -10.45 1.60
CA ALA B 210 6.46 -11.01 2.70
C ALA B 210 7.96 -10.90 2.37
N ARG B 211 8.32 -11.22 1.13
CA ARG B 211 9.70 -11.10 0.64
C ARG B 211 10.17 -9.64 0.77
N ARG B 212 9.36 -8.68 0.29
CA ARG B 212 9.73 -7.27 0.37
C ARG B 212 9.92 -6.81 1.83
N GLN B 213 8.98 -7.12 2.72
CA GLN B 213 9.12 -6.76 4.13
CA GLN B 213 9.14 -6.74 4.14
C GLN B 213 10.37 -7.40 4.73
N ALA B 214 10.59 -8.69 4.39
CA ALA B 214 11.77 -9.46 4.84
C ALA B 214 13.09 -8.86 4.36
N GLU B 215 13.12 -8.38 3.12
CA GLU B 215 14.28 -7.66 2.53
C GLU B 215 14.56 -6.37 3.31
N ILE B 216 13.51 -5.58 3.52
CA ILE B 216 13.60 -4.31 4.24
C ILE B 216 14.02 -4.50 5.70
N SER B 217 13.34 -5.42 6.41
CA SER B 217 13.62 -5.68 7.83
C SER B 217 14.82 -6.61 8.11
N ARG B 218 15.42 -7.17 7.05
CA ARG B 218 16.54 -8.11 7.12
C ARG B 218 16.15 -9.41 7.84
N ALA B 219 14.91 -9.85 7.61
CA ALA B 219 14.38 -11.09 8.18
C ALA B 219 14.73 -12.18 7.17
N GLN B 220 16.00 -12.63 7.23
CA GLN B 220 16.57 -13.55 6.22
C GLN B 220 15.84 -14.86 6.00
N ASP B 221 15.42 -15.50 7.09
CA ASP B 221 14.69 -16.79 7.01
C ASP B 221 13.37 -16.66 6.22
N ILE B 222 12.65 -15.56 6.41
CA ILE B 222 11.42 -15.30 5.67
C ILE B 222 11.74 -14.97 4.19
N GLU B 223 12.79 -14.18 3.94
CA GLU B 223 13.20 -13.86 2.58
C GLU B 223 13.63 -15.13 1.82
N LEU B 224 14.49 -15.94 2.43
CA LEU B 224 14.94 -17.21 1.82
C LEU B 224 13.77 -18.14 1.52
N TRP B 225 12.80 -18.19 2.43
CA TRP B 225 11.58 -18.95 2.20
C TRP B 225 10.82 -18.39 1.01
N ALA B 226 10.61 -17.07 0.99
CA ALA B 226 9.84 -16.43 -0.07
C ALA B 226 10.38 -16.67 -1.47
N ILE B 227 11.71 -16.62 -1.61
CA ILE B 227 12.35 -16.78 -2.91
C ILE B 227 12.53 -18.24 -3.37
N GLN B 228 12.44 -19.22 -2.47
CA GLN B 228 12.50 -20.66 -2.86
C GLN B 228 11.07 -21.13 -3.22
N LYS B 229 10.43 -20.42 -4.16
CA LYS B 229 9.00 -20.64 -4.54
C LYS B 229 8.88 -21.69 -5.65
C1 GOL C . -14.78 -11.04 35.89
O1 GOL C . -14.91 -11.17 37.30
C2 GOL C . -14.86 -9.58 35.49
O2 GOL C . -14.06 -8.80 36.35
C3 GOL C . -14.38 -9.38 34.06
O3 GOL C . -14.15 -8.00 33.82
#